data_6F4Z
#
_entry.id   6F4Z
#
_entity_poly.entity_id   1
_entity_poly.type   'polydeoxyribonucleotide'
_entity_poly.pdbx_seq_one_letter_code
;(DG)(DG)(DG)(DA)(DT)(DG)(DG)(DG)(DA)(DC)(DA)(DC)(DA)(DG)(GFL)(DG)(DG)(DA)(DC)
(DG)(DG)(DG)
;
_entity_poly.pdbx_strand_id   A
#